data_8DTK
#
_entry.id   8DTK
#
_cell.length_a   1.00
_cell.length_b   1.00
_cell.length_c   1.00
_cell.angle_alpha   90.00
_cell.angle_beta   90.00
_cell.angle_gamma   90.00
#
_symmetry.space_group_name_H-M   'P 1'
#
loop_
_entity.id
_entity.type
_entity.pdbx_description
1 polymer 'Spike protein S1'
2 polymer 'DH1047 Fab Light Chain'
3 polymer 'DH1047 Fab Heavy Chain'
4 non-polymer 2-acetamido-2-deoxy-beta-D-glucopyranose
#
loop_
_entity_poly.entity_id
_entity_poly.type
_entity_poly.pdbx_seq_one_letter_code
_entity_poly.pdbx_strand_id
1 'polypeptide(L)'
;PNITNLCPFGEVFNATRFASVYAWNRKRISNCVADYSVLYNSASFSTFKCYGVSPTKLNDLCFTNVYADSFVIRGDEVRQ
IAPGQTGKIADYNYKLPDDFTGCVIAWNSNNLDSKVGGNYNYLYRLFRKSNLKPFERDISTEIYQAGSTPCNGVEGFNCY
FPLQSYGFQPTNGVGYQPYRVVVLSFELLHAPATVCGPKKSTN
;
A
2 'polypeptide(L)'
;DIVMTQSPDSLAVSLGERATINCRSSQSVLYSSNNENYLAWYQQKPGQPPKLLIYWASTRESGIPDRFSGSGSGTDFTLT
ISRLQAEDVAVYYCQQYYSLPRTFGQGTKVEIK
;
B
3 'polypeptide(L)'
;QVQLVQSGAEVKKPGASVQVSCQASANTFTNHYIHWVRQAPGQGLEWMGIIYPTGGNTIYAQGFQGRVTMTRDTSLNTIY
LELSSLRSEDTAVYYCARDVRVDDSWSGYDLLSGGTYFDYWGQGTLVTVSSAS
;
C
#
# COMPACT_ATOMS: atom_id res chain seq x y z
N PRO A 1 35.41 3.74 23.17
CA PRO A 1 34.36 2.71 23.16
C PRO A 1 33.65 2.62 21.82
N ASN A 2 33.18 1.42 21.46
CA ASN A 2 32.54 1.20 20.18
C ASN A 2 31.90 -0.19 20.21
N ILE A 3 31.28 -0.57 19.09
CA ILE A 3 30.64 -1.88 19.00
C ILE A 3 31.70 -2.97 19.10
N THR A 4 31.27 -4.15 19.55
CA THR A 4 32.15 -5.31 19.59
C THR A 4 32.02 -6.18 18.35
N ASN A 5 30.80 -6.34 17.84
CA ASN A 5 30.59 -7.10 16.61
C ASN A 5 29.25 -6.68 16.03
N LEU A 6 29.28 -6.07 14.85
CA LEU A 6 28.06 -5.65 14.17
C LEU A 6 27.23 -6.87 13.81
N CYS A 7 25.92 -6.77 14.01
CA CYS A 7 25.04 -7.90 13.78
C CYS A 7 25.01 -8.23 12.29
N PRO A 8 24.66 -9.49 11.91
CA PRO A 8 24.68 -9.89 10.51
C PRO A 8 23.41 -9.50 9.73
N PHE A 9 23.00 -8.24 9.89
CA PHE A 9 21.83 -7.77 9.16
C PHE A 9 22.08 -7.73 7.66
N GLY A 10 23.32 -7.46 7.26
CA GLY A 10 23.65 -7.54 5.85
C GLY A 10 23.45 -8.93 5.29
N GLU A 11 23.71 -9.96 6.11
CA GLU A 11 23.48 -11.33 5.67
C GLU A 11 22.01 -11.60 5.42
N VAL A 12 21.12 -10.93 6.15
CA VAL A 12 19.68 -11.19 6.07
C VAL A 12 19.07 -10.32 4.98
N PHE A 13 19.19 -8.99 5.13
CA PHE A 13 18.53 -8.08 4.19
C PHE A 13 19.09 -8.25 2.77
N ASN A 14 20.41 -8.25 2.63
CA ASN A 14 21.07 -8.34 1.34
C ASN A 14 21.40 -9.77 0.95
N ALA A 15 20.62 -10.74 1.41
CA ALA A 15 20.87 -12.14 1.09
C ALA A 15 20.79 -12.38 -0.40
N THR A 16 21.65 -13.26 -0.90
CA THR A 16 21.66 -13.55 -2.34
C THR A 16 20.35 -14.16 -2.80
N ARG A 17 19.78 -15.06 -1.99
CA ARG A 17 18.52 -15.73 -2.30
C ARG A 17 17.62 -15.69 -1.08
N PHE A 18 16.31 -15.59 -1.34
CA PHE A 18 15.29 -15.56 -0.30
C PHE A 18 14.34 -16.73 -0.51
N ALA A 19 14.03 -17.43 0.57
CA ALA A 19 13.21 -18.61 0.50
C ALA A 19 11.74 -18.25 0.31
N SER A 20 10.97 -19.23 -0.15
CA SER A 20 9.53 -19.06 -0.28
C SER A 20 8.90 -18.82 1.09
N VAL A 21 7.65 -18.35 1.07
CA VAL A 21 6.98 -18.04 2.32
C VAL A 21 6.66 -19.32 3.09
N TYR A 22 6.31 -20.39 2.38
CA TYR A 22 5.95 -21.64 3.06
C TYR A 22 7.12 -22.29 3.76
N ALA A 23 8.36 -21.92 3.39
CA ALA A 23 9.57 -22.42 4.01
C ALA A 23 10.44 -21.26 4.47
N TRP A 24 9.80 -20.30 5.12
CA TRP A 24 10.49 -19.08 5.57
C TRP A 24 11.63 -19.41 6.53
N ASN A 25 12.80 -18.83 6.25
CA ASN A 25 13.98 -19.06 7.08
C ASN A 25 13.96 -18.17 8.31
N ARG A 26 14.84 -18.45 9.25
CA ARG A 26 14.90 -17.76 10.53
C ARG A 26 16.35 -17.68 10.98
N LYS A 27 16.90 -16.46 11.05
CA LYS A 27 18.28 -16.23 11.44
C LYS A 27 18.29 -15.75 12.89
N ARG A 28 18.93 -16.54 13.76
CA ARG A 28 18.94 -16.26 15.20
C ARG A 28 20.03 -15.25 15.49
N ILE A 29 19.67 -13.97 15.43
CA ILE A 29 20.62 -12.92 15.78
C ILE A 29 20.90 -12.98 17.27
N SER A 30 22.18 -13.02 17.62
CA SER A 30 22.60 -13.30 18.99
C SER A 30 23.95 -12.66 19.28
N ASN A 31 24.07 -12.11 20.49
CA ASN A 31 25.32 -11.57 21.03
C ASN A 31 26.00 -10.62 20.06
N CYS A 32 25.29 -9.55 19.72
CA CYS A 32 25.86 -8.55 18.82
C CYS A 32 25.18 -7.22 19.07
N VAL A 33 25.92 -6.15 18.80
CA VAL A 33 25.42 -4.79 18.95
C VAL A 33 24.73 -4.42 17.63
N ALA A 34 23.43 -4.21 17.69
CA ALA A 34 22.60 -4.00 16.52
C ALA A 34 22.44 -2.51 16.26
N ASP A 35 22.63 -2.11 15.01
CA ASP A 35 22.36 -0.74 14.56
C ASP A 35 21.06 -0.74 13.77
N TYR A 36 19.99 -0.24 14.39
CA TYR A 36 18.70 -0.13 13.72
C TYR A 36 18.49 1.22 13.03
N SER A 37 19.21 2.26 13.45
CA SER A 37 19.03 3.57 12.83
C SER A 37 19.45 3.55 11.37
N VAL A 38 20.43 2.72 11.01
CA VAL A 38 20.82 2.60 9.62
C VAL A 38 19.70 2.00 8.78
N LEU A 39 18.94 1.07 9.37
CA LEU A 39 17.83 0.46 8.65
C LEU A 39 16.67 1.42 8.49
N TYR A 40 16.32 2.13 9.58
CA TYR A 40 15.16 3.02 9.54
C TYR A 40 15.36 4.16 8.56
N ASN A 41 16.56 4.76 8.57
CA ASN A 41 16.81 5.91 7.70
C ASN A 41 16.92 5.52 6.22
N SER A 42 16.98 4.22 5.91
CA SER A 42 17.08 3.81 4.52
C SER A 42 15.81 4.18 3.77
N ALA A 43 15.98 4.65 2.53
CA ALA A 43 14.86 5.03 1.68
C ALA A 43 14.34 3.90 0.81
N SER A 44 15.00 2.74 0.82
CA SER A 44 14.53 1.62 0.00
C SER A 44 13.32 0.92 0.60
N PHE A 45 13.26 0.83 1.94
CA PHE A 45 12.20 0.09 2.60
C PHE A 45 10.85 0.78 2.38
N SER A 46 9.95 0.11 1.67
CA SER A 46 8.62 0.65 1.44
C SER A 46 7.67 0.39 2.60
N THR A 47 8.09 -0.35 3.62
CA THR A 47 7.22 -0.64 4.76
C THR A 47 8.07 -1.11 5.93
N PHE A 48 7.98 -0.40 7.05
CA PHE A 48 8.71 -0.76 8.26
C PHE A 48 7.78 -1.28 9.34
N LYS A 49 6.80 -0.49 9.78
CA LYS A 49 5.64 -0.95 10.53
C LYS A 49 6.07 -1.65 11.83
N CYS A 50 6.71 -0.89 12.71
CA CYS A 50 7.09 -1.42 14.02
C CYS A 50 5.87 -1.55 14.92
N TYR A 51 5.81 -2.66 15.67
CA TYR A 51 4.72 -2.98 16.56
C TYR A 51 5.21 -2.93 18.01
N GLY A 52 4.34 -2.48 18.91
CA GLY A 52 4.67 -2.51 20.32
C GLY A 52 5.70 -1.48 20.72
N VAL A 53 6.93 -1.64 20.23
CA VAL A 53 8.04 -0.74 20.52
C VAL A 53 8.23 0.18 19.33
N SER A 54 8.33 1.48 19.60
CA SER A 54 8.47 2.46 18.53
C SER A 54 9.82 2.27 17.84
N PRO A 55 9.92 2.59 16.54
CA PRO A 55 11.18 2.33 15.84
C PRO A 55 12.36 3.14 16.35
N THR A 56 12.15 4.40 16.72
CA THR A 56 13.26 5.21 17.22
C THR A 56 13.65 4.80 18.63
N LYS A 57 12.71 4.24 19.40
CA LYS A 57 13.03 3.74 20.73
C LYS A 57 13.91 2.49 20.70
N LEU A 58 14.02 1.83 19.54
CA LEU A 58 14.75 0.56 19.47
C LEU A 58 16.22 0.73 19.84
N ASN A 59 16.82 1.87 19.52
CA ASN A 59 18.26 2.01 19.62
C ASN A 59 18.77 2.22 21.04
N ASP A 60 17.89 2.18 22.06
CA ASP A 60 18.37 2.14 23.44
C ASP A 60 17.54 1.22 24.33
N LEU A 61 16.76 0.32 23.72
CA LEU A 61 16.08 -0.76 24.43
C LEU A 61 16.52 -2.05 23.77
N CYS A 62 16.71 -3.10 24.57
CA CYS A 62 17.32 -4.30 24.00
C CYS A 62 17.00 -5.54 24.79
N PHE A 63 17.10 -6.67 24.08
CA PHE A 63 16.38 -7.89 24.37
C PHE A 63 17.34 -9.07 24.43
N THR A 64 16.79 -10.26 24.63
CA THR A 64 17.61 -11.46 24.71
C THR A 64 17.95 -11.98 23.32
N ASN A 65 16.95 -12.08 22.44
CA ASN A 65 17.13 -12.60 21.08
C ASN A 65 16.44 -11.68 20.09
N VAL A 66 16.78 -11.87 18.83
CA VAL A 66 16.11 -11.22 17.70
C VAL A 66 16.10 -12.21 16.56
N TYR A 67 14.91 -12.57 16.08
CA TYR A 67 14.75 -13.55 15.00
C TYR A 67 14.26 -12.81 13.77
N ALA A 68 15.07 -12.85 12.71
CA ALA A 68 14.73 -12.17 11.45
C ALA A 68 14.06 -13.16 10.50
N ASP A 69 12.81 -13.47 10.81
CA ASP A 69 12.01 -14.30 9.91
C ASP A 69 11.86 -13.57 8.58
N SER A 70 12.16 -14.26 7.49
CA SER A 70 12.19 -13.64 6.18
C SER A 70 11.48 -14.51 5.15
N PHE A 71 10.83 -13.86 4.19
CA PHE A 71 10.12 -14.54 3.13
C PHE A 71 9.84 -13.54 2.02
N VAL A 72 9.28 -14.03 0.92
CA VAL A 72 8.91 -13.22 -0.23
C VAL A 72 7.42 -13.37 -0.46
N ILE A 73 6.72 -12.23 -0.57
CA ILE A 73 5.28 -12.20 -0.75
C ILE A 73 4.95 -11.00 -1.61
N ARG A 74 3.93 -11.12 -2.45
CA ARG A 74 3.50 -9.99 -3.27
C ARG A 74 3.01 -8.86 -2.36
N GLY A 75 2.97 -7.66 -2.94
CA GLY A 75 2.79 -6.46 -2.12
C GLY A 75 1.46 -6.43 -1.39
N ASP A 76 0.38 -6.75 -2.10
CA ASP A 76 -0.95 -6.63 -1.49
C ASP A 76 -1.13 -7.60 -0.33
N GLU A 77 -0.34 -8.69 -0.30
CA GLU A 77 -0.41 -9.65 0.80
C GLU A 77 0.41 -9.22 2.01
N VAL A 78 1.11 -8.09 1.94
CA VAL A 78 1.99 -7.70 3.05
C VAL A 78 1.20 -7.39 4.30
N ARG A 79 -0.01 -6.83 4.16
CA ARG A 79 -0.80 -6.47 5.33
C ARG A 79 -1.16 -7.68 6.18
N GLN A 80 -1.26 -8.87 5.58
CA GLN A 80 -1.55 -10.07 6.36
C GLN A 80 -0.43 -10.40 7.34
N ILE A 81 0.79 -9.90 7.12
CA ILE A 81 1.90 -10.13 8.05
C ILE A 81 1.74 -9.10 9.15
N ALA A 82 0.99 -9.47 10.17
CA ALA A 82 0.74 -8.61 11.33
C ALA A 82 -0.07 -9.40 12.35
N PRO A 83 -0.10 -8.97 13.61
CA PRO A 83 -0.91 -9.67 14.60
C PRO A 83 -2.39 -9.63 14.26
N GLY A 84 -3.07 -10.74 14.50
CA GLY A 84 -4.51 -10.80 14.42
C GLY A 84 -5.09 -10.83 13.02
N GLN A 85 -4.26 -10.78 11.98
CA GLN A 85 -4.78 -10.75 10.63
C GLN A 85 -5.15 -12.15 10.17
N THR A 86 -5.96 -12.20 9.10
CA THR A 86 -6.48 -13.45 8.56
C THR A 86 -6.37 -13.39 7.04
N GLY A 87 -6.06 -14.53 6.45
CA GLY A 87 -5.84 -14.63 5.01
C GLY A 87 -5.02 -15.86 4.71
N LYS A 88 -4.76 -16.05 3.41
CA LYS A 88 -4.02 -17.24 2.99
C LYS A 88 -2.62 -17.24 3.58
N ILE A 89 -1.91 -16.12 3.51
CA ILE A 89 -0.58 -16.06 4.12
C ILE A 89 -0.69 -16.11 5.63
N ALA A 90 -1.70 -15.47 6.19
CA ALA A 90 -1.85 -15.48 7.65
C ALA A 90 -2.29 -16.84 8.16
N ASP A 91 -3.17 -17.52 7.42
CA ASP A 91 -3.74 -18.77 7.92
C ASP A 91 -2.84 -19.96 7.65
N TYR A 92 -2.33 -20.08 6.42
CA TYR A 92 -1.77 -21.33 5.92
C TYR A 92 -0.25 -21.33 5.79
N ASN A 93 0.40 -20.16 5.77
CA ASN A 93 1.84 -20.06 5.53
C ASN A 93 2.61 -19.46 6.69
N TYR A 94 2.15 -18.35 7.26
CA TYR A 94 2.91 -17.65 8.30
C TYR A 94 1.94 -16.84 9.15
N LYS A 95 1.77 -17.26 10.40
CA LYS A 95 0.88 -16.60 11.35
C LYS A 95 1.72 -15.97 12.46
N LEU A 96 1.60 -14.66 12.60
CA LEU A 96 2.23 -13.96 13.72
C LEU A 96 1.33 -14.05 14.95
N PRO A 97 1.91 -13.97 16.16
CA PRO A 97 1.08 -14.11 17.35
C PRO A 97 0.19 -12.89 17.55
N ASP A 98 -0.92 -13.11 18.27
CA ASP A 98 -1.84 -12.01 18.55
C ASP A 98 -1.15 -10.91 19.36
N ASP A 99 -0.33 -11.31 20.34
CA ASP A 99 0.56 -10.40 21.05
C ASP A 99 1.94 -10.51 20.41
N PHE A 100 2.38 -9.43 19.77
CA PHE A 100 3.60 -9.44 18.98
C PHE A 100 4.40 -8.18 19.27
N THR A 101 5.72 -8.29 19.18
CA THR A 101 6.64 -7.16 19.36
C THR A 101 7.74 -7.32 18.31
N GLY A 102 7.54 -6.70 17.16
CA GLY A 102 8.51 -6.79 16.09
C GLY A 102 8.36 -5.62 15.13
N CYS A 103 9.01 -5.76 13.98
CA CYS A 103 8.99 -4.71 12.96
C CYS A 103 9.03 -5.37 11.58
N VAL A 104 7.90 -5.33 10.88
CA VAL A 104 7.77 -6.03 9.61
C VAL A 104 8.36 -5.19 8.50
N ILE A 105 9.68 -5.32 8.29
CA ILE A 105 10.35 -4.56 7.24
C ILE A 105 9.99 -5.16 5.89
N ALA A 106 10.00 -4.34 4.85
CA ALA A 106 9.78 -4.84 3.50
C ALA A 106 10.34 -3.84 2.50
N TRP A 107 10.54 -4.31 1.27
CA TRP A 107 11.02 -3.46 0.19
C TRP A 107 10.68 -4.10 -1.13
N ASN A 108 10.58 -3.27 -2.17
CA ASN A 108 10.34 -3.77 -3.51
C ASN A 108 11.57 -4.51 -4.01
N SER A 109 11.34 -5.62 -4.73
CA SER A 109 12.42 -6.44 -5.25
C SER A 109 12.10 -6.89 -6.67
N ASN A 110 11.56 -5.98 -7.49
CA ASN A 110 11.23 -6.35 -8.86
C ASN A 110 12.48 -6.67 -9.67
N ASN A 111 13.53 -5.87 -9.50
CA ASN A 111 14.75 -6.05 -10.29
C ASN A 111 15.55 -7.27 -9.90
N LEU A 112 15.39 -7.77 -8.67
CA LEU A 112 16.11 -8.94 -8.19
C LEU A 112 15.29 -10.23 -8.28
N ASP A 113 14.10 -10.25 -7.69
CA ASP A 113 13.29 -11.45 -7.59
C ASP A 113 12.33 -11.61 -8.77
N SER A 114 12.64 -11.02 -9.91
CA SER A 114 11.84 -11.21 -11.12
C SER A 114 12.72 -10.94 -12.33
N LYS A 115 12.27 -11.43 -13.48
CA LYS A 115 13.00 -11.30 -14.73
C LYS A 115 12.00 -11.00 -15.84
N VAL A 116 12.51 -10.87 -17.07
CA VAL A 116 11.67 -10.52 -18.20
C VAL A 116 10.62 -11.60 -18.46
N GLY A 117 11.02 -12.86 -18.39
CA GLY A 117 10.14 -13.98 -18.64
C GLY A 117 9.33 -14.45 -17.46
N GLY A 118 9.40 -13.76 -16.32
CA GLY A 118 8.71 -14.18 -15.12
C GLY A 118 9.55 -15.11 -14.25
N ASN A 119 8.94 -15.54 -13.14
CA ASN A 119 9.62 -16.40 -12.19
C ASN A 119 8.60 -17.27 -11.46
N TYR A 120 8.83 -18.58 -11.47
CA TYR A 120 7.96 -19.56 -10.83
C TYR A 120 8.64 -20.26 -9.65
N ASN A 121 9.77 -19.74 -9.18
CA ASN A 121 10.53 -20.43 -8.14
C ASN A 121 10.05 -20.11 -6.73
N TYR A 122 9.02 -19.29 -6.57
CA TYR A 122 8.44 -18.97 -5.28
C TYR A 122 7.09 -19.66 -5.14
N LEU A 123 6.86 -20.27 -3.97
CA LEU A 123 5.68 -21.10 -3.72
C LEU A 123 4.99 -20.62 -2.46
N TYR A 124 3.70 -20.95 -2.35
CA TYR A 124 2.92 -20.64 -1.16
C TYR A 124 1.82 -21.68 -0.98
N ARG A 125 1.52 -21.97 0.28
CA ARG A 125 0.56 -23.02 0.61
C ARG A 125 -0.86 -22.50 0.46
N LEU A 126 -1.66 -23.20 -0.33
CA LEU A 126 -3.04 -22.81 -0.62
C LEU A 126 -4.08 -23.66 0.11
N PHE A 127 -3.68 -24.82 0.65
CA PHE A 127 -4.59 -25.69 1.39
C PHE A 127 -3.85 -26.26 2.59
N ARG A 128 -4.59 -26.48 3.68
CA ARG A 128 -4.01 -27.09 4.87
C ARG A 128 -5.13 -27.70 5.69
N LYS A 129 -4.72 -28.57 6.62
CA LYS A 129 -5.69 -29.19 7.54
C LYS A 129 -6.38 -28.12 8.39
N SER A 130 -5.62 -27.18 8.93
CA SER A 130 -6.18 -26.18 9.83
C SER A 130 -5.21 -25.01 9.93
N ASN A 131 -5.62 -23.99 10.70
CA ASN A 131 -4.83 -22.78 10.82
C ASN A 131 -3.54 -23.02 11.58
N LEU A 132 -2.52 -22.25 11.23
CA LEU A 132 -1.24 -22.30 11.93
C LEU A 132 -1.34 -21.67 13.31
N LYS A 133 -0.56 -22.20 14.23
CA LYS A 133 -0.26 -21.52 15.48
C LYS A 133 0.83 -20.50 15.22
N PRO A 134 1.09 -19.58 16.15
CA PRO A 134 2.12 -18.57 15.92
C PRO A 134 3.50 -19.17 15.69
N PHE A 135 4.21 -18.65 14.70
CA PHE A 135 5.57 -19.07 14.37
C PHE A 135 5.66 -20.57 14.08
N GLU A 136 4.61 -21.14 13.48
CA GLU A 136 4.60 -22.57 13.18
C GLU A 136 5.19 -22.77 11.79
N ARG A 137 6.50 -23.03 11.73
CA ARG A 137 7.21 -23.20 10.47
C ARG A 137 6.90 -24.58 9.89
N ASP A 138 5.67 -24.71 9.37
CA ASP A 138 5.22 -25.97 8.79
C ASP A 138 5.66 -26.02 7.33
N ILE A 139 6.52 -26.99 7.01
CA ILE A 139 7.09 -27.14 5.67
C ILE A 139 6.52 -28.42 5.07
N SER A 140 5.28 -28.74 5.44
CA SER A 140 4.64 -29.92 4.89
C SER A 140 4.49 -29.81 3.38
N THR A 141 4.65 -30.94 2.70
CA THR A 141 4.54 -30.99 1.24
C THR A 141 3.69 -32.17 0.76
N GLU A 142 2.94 -32.82 1.65
CA GLU A 142 2.13 -33.96 1.27
C GLU A 142 0.89 -33.49 0.52
N ILE A 143 0.33 -34.39 -0.30
CA ILE A 143 -0.87 -34.08 -1.06
C ILE A 143 -2.01 -33.81 -0.08
N TYR A 144 -2.73 -32.73 -0.32
CA TYR A 144 -3.81 -32.32 0.57
C TYR A 144 -5.07 -33.12 0.30
N GLN A 145 -5.78 -33.48 1.37
CA GLN A 145 -7.05 -34.19 1.29
C GLN A 145 -8.18 -33.17 1.43
N ALA A 146 -9.04 -33.10 0.40
CA ALA A 146 -10.16 -32.18 0.37
C ALA A 146 -11.51 -32.89 0.49
N GLY A 147 -11.51 -34.17 0.87
CA GLY A 147 -12.75 -34.91 0.94
C GLY A 147 -12.58 -36.20 1.71
N SER A 148 -13.65 -36.99 1.73
CA SER A 148 -13.63 -38.25 2.47
C SER A 148 -12.81 -39.31 1.76
N THR A 149 -12.85 -39.35 0.43
CA THR A 149 -12.17 -40.40 -0.30
C THR A 149 -10.65 -40.23 -0.16
N PRO A 150 -9.89 -41.33 -0.07
CA PRO A 150 -8.44 -41.18 -0.01
C PRO A 150 -7.89 -40.69 -1.34
N CYS A 151 -6.77 -39.95 -1.26
CA CYS A 151 -6.16 -39.38 -2.44
C CYS A 151 -5.18 -40.32 -3.14
N ASN A 152 -4.85 -41.45 -2.51
CA ASN A 152 -3.93 -42.43 -3.10
C ASN A 152 -2.55 -41.81 -3.33
N GLY A 153 -2.20 -40.79 -2.52
CA GLY A 153 -0.90 -40.15 -2.64
C GLY A 153 -0.62 -39.53 -3.98
N VAL A 154 -1.65 -39.21 -4.76
CA VAL A 154 -1.50 -38.70 -6.12
C VAL A 154 -2.58 -37.65 -6.37
N GLU A 155 -2.28 -36.74 -7.29
CA GLU A 155 -3.24 -35.70 -7.64
C GLU A 155 -4.47 -36.30 -8.30
N GLY A 156 -5.60 -35.62 -8.11
CA GLY A 156 -6.85 -36.08 -8.68
C GLY A 156 -8.00 -35.23 -8.20
N PHE A 157 -9.21 -35.72 -8.46
CA PHE A 157 -10.40 -35.02 -8.00
C PHE A 157 -10.43 -34.96 -6.49
N ASN A 158 -10.74 -33.78 -5.96
CA ASN A 158 -10.72 -33.50 -4.52
C ASN A 158 -9.34 -33.69 -3.92
N CYS A 159 -8.29 -33.53 -4.73
CA CYS A 159 -6.91 -33.67 -4.28
C CYS A 159 -6.07 -32.65 -5.04
N TYR A 160 -5.51 -31.68 -4.30
CA TYR A 160 -4.73 -30.61 -4.90
C TYR A 160 -3.37 -30.52 -4.21
N PHE A 161 -2.34 -30.32 -5.00
CA PHE A 161 -0.99 -30.15 -4.47
C PHE A 161 -0.96 -28.87 -3.64
N PRO A 162 -0.56 -28.91 -2.36
CA PRO A 162 -0.87 -27.77 -1.48
C PRO A 162 -0.15 -26.49 -1.82
N LEU A 163 0.96 -26.53 -2.55
CA LEU A 163 1.77 -25.36 -2.84
C LEU A 163 1.56 -24.93 -4.28
N GLN A 164 1.20 -23.66 -4.48
CA GLN A 164 1.03 -23.05 -5.79
C GLN A 164 2.07 -21.96 -5.96
N SER A 165 2.30 -21.58 -7.21
CA SER A 165 3.32 -20.62 -7.56
C SER A 165 2.73 -19.22 -7.75
N TYR A 166 3.41 -18.21 -7.21
CA TYR A 166 3.04 -16.83 -7.47
C TYR A 166 3.09 -16.52 -8.96
N GLY A 167 4.25 -16.74 -9.59
CA GLY A 167 4.38 -16.47 -11.01
C GLY A 167 4.30 -15.00 -11.35
N PHE A 168 5.32 -14.23 -10.97
CA PHE A 168 5.28 -12.80 -11.21
C PHE A 168 5.64 -12.49 -12.65
N GLN A 169 5.40 -11.24 -13.05
CA GLN A 169 5.83 -10.71 -14.33
C GLN A 169 6.24 -9.25 -14.14
N PRO A 170 7.14 -8.74 -14.98
CA PRO A 170 7.50 -7.32 -14.84
C PRO A 170 6.37 -6.37 -15.18
N THR A 171 5.35 -6.83 -15.91
CA THR A 171 4.20 -6.01 -16.25
C THR A 171 3.20 -5.88 -15.11
N ASN A 172 3.37 -6.62 -14.02
CA ASN A 172 2.43 -6.55 -12.91
C ASN A 172 2.47 -5.17 -12.26
N GLY A 173 1.36 -4.82 -11.61
CA GLY A 173 1.31 -3.56 -10.91
C GLY A 173 2.28 -3.51 -9.76
N VAL A 174 2.51 -2.29 -9.25
CA VAL A 174 3.47 -2.11 -8.18
C VAL A 174 3.02 -2.83 -6.91
N GLY A 175 1.71 -2.88 -6.66
CA GLY A 175 1.21 -3.62 -5.51
C GLY A 175 1.34 -5.12 -5.65
N TYR A 176 1.51 -5.62 -6.87
CA TYR A 176 1.59 -7.05 -7.14
C TYR A 176 3.02 -7.53 -7.35
N GLN A 177 4.02 -6.66 -7.25
CA GLN A 177 5.40 -7.05 -7.44
C GLN A 177 5.93 -7.79 -6.21
N PRO A 178 7.04 -8.52 -6.33
CA PRO A 178 7.54 -9.28 -5.19
C PRO A 178 8.23 -8.38 -4.18
N TYR A 179 7.65 -8.28 -2.98
CA TYR A 179 8.23 -7.52 -1.88
C TYR A 179 8.83 -8.51 -0.89
N ARG A 180 10.14 -8.44 -0.68
CA ARG A 180 10.76 -9.22 0.37
C ARG A 180 10.31 -8.69 1.72
N VAL A 181 10.49 -9.51 2.76
CA VAL A 181 10.02 -9.18 4.10
C VAL A 181 11.05 -9.65 5.12
N VAL A 182 11.20 -8.90 6.21
CA VAL A 182 11.97 -9.30 7.38
C VAL A 182 11.17 -8.85 8.60
N VAL A 183 11.08 -9.71 9.61
CA VAL A 183 10.07 -9.54 10.67
C VAL A 183 10.68 -9.02 11.96
N LEU A 184 11.82 -9.56 12.39
CA LEU A 184 12.51 -9.12 13.61
C LEU A 184 11.60 -9.25 14.84
N SER A 185 11.24 -10.49 15.16
CA SER A 185 10.43 -10.75 16.34
C SER A 185 11.32 -10.79 17.59
N PHE A 186 11.20 -9.76 18.44
CA PHE A 186 11.99 -9.72 19.65
C PHE A 186 11.51 -10.76 20.66
N GLU A 187 12.34 -11.01 21.68
CA GLU A 187 12.03 -11.99 22.69
C GLU A 187 12.78 -11.68 23.98
N LEU A 188 12.15 -12.01 25.11
CA LEU A 188 12.78 -12.04 26.42
C LEU A 188 12.72 -13.47 26.97
N LEU A 189 13.60 -13.77 27.92
CA LEU A 189 13.65 -15.10 28.50
C LEU A 189 14.38 -15.01 29.84
N HIS A 190 14.35 -16.12 30.59
CA HIS A 190 14.91 -16.15 31.93
C HIS A 190 16.40 -15.80 31.95
N ALA A 191 17.11 -16.10 30.85
CA ALA A 191 18.56 -15.90 30.78
C ALA A 191 18.86 -14.51 30.23
N PRO A 192 19.61 -13.65 30.92
CA PRO A 192 19.91 -12.33 30.36
C PRO A 192 20.76 -12.43 29.11
N ALA A 193 20.55 -11.50 28.19
CA ALA A 193 21.41 -11.36 27.02
C ALA A 193 21.19 -9.96 26.45
N THR A 194 22.15 -9.53 25.61
CA THR A 194 22.33 -8.12 25.29
C THR A 194 22.52 -7.92 23.78
N VAL A 195 21.65 -8.51 22.96
CA VAL A 195 21.57 -8.10 21.57
C VAL A 195 20.99 -6.69 21.58
N CYS A 196 21.84 -5.68 21.42
CA CYS A 196 21.51 -4.36 21.92
C CYS A 196 22.01 -3.26 21.00
N GLY A 197 21.65 -2.02 21.35
CA GLY A 197 21.86 -0.89 20.48
C GLY A 197 23.29 -0.40 20.48
N PRO A 198 23.61 0.56 19.60
CA PRO A 198 24.98 1.05 19.51
C PRO A 198 25.43 1.70 20.82
N LYS A 199 26.73 2.01 20.87
CA LYS A 199 27.27 2.61 22.08
C LYS A 199 26.78 4.03 22.26
N LYS A 200 26.63 4.78 21.16
CA LYS A 200 26.21 6.18 21.16
C LYS A 200 27.24 7.08 21.84
N SER A 201 28.45 6.56 22.07
CA SER A 201 29.47 7.32 22.78
C SER A 201 30.10 8.32 21.83
N THR A 202 29.87 9.61 22.09
CA THR A 202 30.41 10.64 21.21
C THR A 202 31.94 10.62 21.23
N ASN A 203 32.52 10.45 22.40
CA ASN A 203 33.98 10.42 22.53
C ASN A 203 34.58 9.26 21.77
N ASP B 1 -4.78 -6.39 -12.15
CA ASP B 1 -4.24 -5.26 -11.34
C ASP B 1 -5.39 -4.37 -10.88
N ILE B 2 -6.37 -4.99 -10.20
CA ILE B 2 -7.58 -4.35 -9.69
C ILE B 2 -8.18 -3.43 -10.74
N VAL B 3 -8.22 -3.90 -12.00
CA VAL B 3 -8.82 -3.12 -13.07
C VAL B 3 -10.28 -2.90 -12.76
N MET B 4 -10.86 -1.86 -13.34
CA MET B 4 -12.12 -1.33 -12.84
C MET B 4 -12.85 -0.58 -13.94
N THR B 5 -14.18 -0.68 -13.92
CA THR B 5 -15.02 0.06 -14.84
C THR B 5 -16.43 0.12 -14.27
N GLN B 6 -16.98 1.32 -14.18
CA GLN B 6 -18.34 1.51 -13.71
C GLN B 6 -19.34 1.01 -14.74
N SER B 7 -20.40 0.36 -14.27
CA SER B 7 -21.45 -0.09 -15.19
C SER B 7 -22.16 1.08 -15.86
N PRO B 8 -22.66 2.11 -15.14
CA PRO B 8 -23.32 3.22 -15.84
C PRO B 8 -22.32 4.27 -16.33
N ASP B 9 -22.19 4.41 -17.65
CA ASP B 9 -21.29 5.42 -18.18
C ASP B 9 -21.86 6.81 -17.92
N SER B 10 -23.15 7.01 -18.19
CA SER B 10 -23.81 8.28 -17.95
C SER B 10 -25.30 8.04 -17.79
N LEU B 11 -25.93 8.79 -16.90
CA LEU B 11 -27.34 8.61 -16.58
C LEU B 11 -28.01 9.97 -16.45
N ALA B 12 -29.21 10.08 -17.00
CA ALA B 12 -30.04 11.28 -16.88
C ALA B 12 -31.00 11.07 -15.72
N VAL B 13 -30.91 11.95 -14.72
CA VAL B 13 -31.65 11.83 -13.47
C VAL B 13 -32.71 12.91 -13.44
N SER B 14 -33.98 12.51 -13.29
CA SER B 14 -35.04 13.47 -13.05
C SER B 14 -34.84 14.15 -11.71
N LEU B 15 -35.12 15.45 -11.67
CA LEU B 15 -34.89 16.23 -10.47
C LEU B 15 -35.75 15.73 -9.32
N GLY B 16 -35.14 15.60 -8.14
CA GLY B 16 -35.85 15.17 -6.96
C GLY B 16 -36.03 13.67 -6.81
N GLU B 17 -35.57 12.88 -7.77
CA GLU B 17 -35.68 11.43 -7.72
C GLU B 17 -34.36 10.83 -7.21
N ARG B 18 -34.33 9.50 -7.13
CA ARG B 18 -33.20 8.76 -6.61
C ARG B 18 -32.46 8.09 -7.76
N ALA B 19 -31.13 8.28 -7.81
CA ALA B 19 -30.28 7.72 -8.85
C ALA B 19 -29.18 6.88 -8.22
N THR B 20 -28.90 5.73 -8.84
CA THR B 20 -27.91 4.78 -8.37
C THR B 20 -26.75 4.74 -9.34
N ILE B 21 -25.54 4.61 -8.80
CA ILE B 21 -24.31 4.57 -9.59
C ILE B 21 -23.62 3.26 -9.24
N ASN B 22 -23.85 2.23 -10.04
CA ASN B 22 -23.22 0.94 -9.82
C ASN B 22 -21.72 1.04 -10.11
N CYS B 23 -20.94 0.28 -9.36
CA CYS B 23 -19.48 0.39 -9.39
C CYS B 23 -18.88 -0.96 -9.05
N ARG B 24 -18.32 -1.63 -10.06
CA ARG B 24 -17.89 -3.02 -9.97
C ARG B 24 -16.37 -3.06 -10.02
N SER B 25 -15.77 -3.82 -9.11
CA SER B 25 -14.34 -4.07 -9.09
C SER B 25 -14.05 -5.42 -9.72
N SER B 26 -12.83 -5.56 -10.27
CA SER B 26 -12.42 -6.83 -10.85
C SER B 26 -12.06 -7.85 -9.78
N GLN B 27 -11.49 -7.40 -8.67
CA GLN B 27 -11.11 -8.26 -7.55
C GLN B 27 -11.78 -7.74 -6.29
N SER B 28 -12.26 -8.66 -5.45
CA SER B 28 -12.97 -8.26 -4.25
C SER B 28 -12.04 -7.53 -3.31
N VAL B 29 -12.48 -6.35 -2.84
CA VAL B 29 -11.70 -5.54 -1.91
C VAL B 29 -11.99 -5.87 -0.45
N LEU B 30 -12.96 -6.75 -0.18
CA LEU B 30 -13.28 -7.09 1.20
C LEU B 30 -12.10 -7.81 1.84
N TYR B 31 -11.72 -7.34 3.03
CA TYR B 31 -10.60 -7.91 3.79
C TYR B 31 -11.18 -8.72 4.94
N SER B 32 -10.71 -9.97 5.07
CA SER B 32 -11.37 -10.91 5.96
C SER B 32 -11.20 -10.54 7.43
N SER B 33 -10.06 -9.96 7.79
CA SER B 33 -9.73 -9.77 9.21
C SER B 33 -10.73 -8.84 9.89
N ASN B 34 -10.94 -7.65 9.33
CA ASN B 34 -11.84 -6.66 9.89
C ASN B 34 -13.17 -6.55 9.16
N ASN B 35 -13.26 -7.09 7.94
CA ASN B 35 -14.52 -7.13 7.19
C ASN B 35 -15.03 -5.73 6.84
N GLU B 36 -14.11 -4.82 6.53
CA GLU B 36 -14.45 -3.51 5.99
C GLU B 36 -14.20 -3.52 4.49
N ASN B 37 -15.21 -3.17 3.71
CA ASN B 37 -15.09 -3.14 2.25
C ASN B 37 -14.34 -1.88 1.87
N TYR B 38 -13.14 -2.04 1.29
CA TYR B 38 -12.27 -0.92 0.97
C TYR B 38 -12.70 -0.30 -0.37
N LEU B 39 -13.58 0.68 -0.27
CA LEU B 39 -13.88 1.60 -1.35
C LEU B 39 -14.18 2.98 -0.78
N ALA B 40 -13.97 4.00 -1.60
CA ALA B 40 -14.36 5.36 -1.27
C ALA B 40 -14.93 6.01 -2.52
N TRP B 41 -15.80 6.98 -2.31
CA TRP B 41 -16.54 7.64 -3.37
C TRP B 41 -16.17 9.11 -3.41
N TYR B 42 -15.86 9.62 -4.60
CA TYR B 42 -15.41 10.99 -4.79
C TYR B 42 -16.27 11.68 -5.85
N GLN B 43 -16.36 13.00 -5.74
CA GLN B 43 -17.03 13.81 -6.75
C GLN B 43 -16.19 15.06 -6.98
N GLN B 44 -15.97 15.39 -8.25
CA GLN B 44 -15.27 16.62 -8.63
C GLN B 44 -16.18 17.42 -9.54
N LYS B 45 -16.40 18.68 -9.19
CA LYS B 45 -17.03 19.62 -10.09
C LYS B 45 -16.01 20.03 -11.14
N PRO B 46 -16.45 20.64 -12.24
CA PRO B 46 -15.48 21.13 -13.24
C PRO B 46 -14.50 22.11 -12.62
N GLY B 47 -13.22 21.89 -12.88
CA GLY B 47 -12.16 22.72 -12.29
C GLY B 47 -11.75 22.33 -10.89
N GLN B 48 -12.70 22.24 -9.97
CA GLN B 48 -12.37 21.96 -8.59
C GLN B 48 -11.86 20.53 -8.42
N PRO B 49 -11.09 20.26 -7.36
CA PRO B 49 -10.59 18.90 -7.16
C PRO B 49 -11.67 17.99 -6.62
N PRO B 50 -11.50 16.67 -6.70
CA PRO B 50 -12.52 15.78 -6.15
C PRO B 50 -12.60 15.86 -4.64
N LYS B 51 -13.81 15.61 -4.12
CA LYS B 51 -14.12 15.62 -2.70
C LYS B 51 -14.67 14.27 -2.30
N LEU B 52 -14.14 13.69 -1.22
CA LEU B 52 -14.63 12.41 -0.75
C LEU B 52 -16.01 12.56 -0.14
N LEU B 53 -16.85 11.55 -0.32
CA LEU B 53 -18.20 11.49 0.23
C LEU B 53 -18.36 10.36 1.23
N ILE B 54 -17.92 9.16 0.86
CA ILE B 54 -18.04 7.96 1.70
C ILE B 54 -16.65 7.34 1.71
N TYR B 55 -16.12 7.04 2.90
CA TYR B 55 -14.70 6.66 2.99
C TYR B 55 -14.51 5.15 3.10
N TRP B 56 -15.26 4.50 3.98
CA TRP B 56 -15.42 3.05 3.89
C TRP B 56 -16.48 2.79 2.82
N ALA B 57 -17.02 1.57 2.76
CA ALA B 57 -18.07 1.32 1.79
C ALA B 57 -19.34 2.09 2.09
N SER B 58 -19.71 2.26 3.36
CA SER B 58 -21.02 2.75 3.75
C SER B 58 -21.01 4.09 4.47
N THR B 59 -20.22 4.23 5.53
CA THR B 59 -20.29 5.44 6.36
C THR B 59 -19.77 6.65 5.62
N ARG B 60 -20.46 7.78 5.80
CA ARG B 60 -20.12 9.02 5.12
C ARG B 60 -19.20 9.88 5.97
N GLU B 61 -18.27 10.58 5.32
CA GLU B 61 -17.30 11.39 6.03
C GLU B 61 -17.95 12.65 6.60
N SER B 62 -17.34 13.18 7.66
CA SER B 62 -17.87 14.37 8.32
C SER B 62 -17.85 15.57 7.38
N GLY B 63 -18.84 16.44 7.53
CA GLY B 63 -18.94 17.65 6.76
C GLY B 63 -19.85 17.57 5.56
N ILE B 64 -20.13 16.37 5.07
CA ILE B 64 -21.01 16.18 3.92
C ILE B 64 -22.42 16.02 4.46
N PRO B 65 -23.47 16.49 3.77
CA PRO B 65 -24.83 16.20 4.22
C PRO B 65 -25.16 14.72 4.07
N ASP B 66 -26.26 14.34 4.72
CA ASP B 66 -26.73 12.96 4.71
C ASP B 66 -27.51 12.59 3.46
N ARG B 67 -27.47 13.41 2.41
CA ARG B 67 -28.19 13.11 1.19
C ARG B 67 -27.64 11.84 0.53
N PHE B 68 -26.31 11.72 0.48
CA PHE B 68 -25.67 10.61 -0.21
C PHE B 68 -25.72 9.34 0.62
N SER B 69 -25.59 8.20 -0.05
CA SER B 69 -25.54 6.92 0.63
C SER B 69 -24.90 5.89 -0.28
N GLY B 70 -24.21 4.94 0.31
CA GLY B 70 -23.62 3.85 -0.44
C GLY B 70 -23.68 2.57 0.37
N SER B 71 -23.74 1.45 -0.35
CA SER B 71 -23.88 0.15 0.29
C SER B 71 -23.35 -0.92 -0.66
N GLY B 72 -23.22 -2.12 -0.12
CA GLY B 72 -22.75 -3.27 -0.87
C GLY B 72 -21.57 -3.94 -0.19
N SER B 73 -21.18 -5.07 -0.77
CA SER B 73 -20.05 -5.83 -0.26
C SER B 73 -19.49 -6.69 -1.40
N GLY B 74 -18.26 -7.14 -1.22
CA GLY B 74 -17.61 -7.95 -2.23
C GLY B 74 -17.08 -7.15 -3.38
N THR B 75 -17.77 -7.24 -4.53
CA THR B 75 -17.43 -6.47 -5.73
C THR B 75 -18.54 -5.58 -6.23
N ASP B 76 -19.80 -5.89 -5.93
CA ASP B 76 -20.93 -5.09 -6.36
C ASP B 76 -21.21 -4.01 -5.33
N PHE B 77 -21.06 -2.75 -5.74
CA PHE B 77 -21.30 -1.60 -4.88
C PHE B 77 -22.06 -0.55 -5.66
N THR B 78 -22.83 0.27 -4.93
CA THR B 78 -23.69 1.27 -5.53
C THR B 78 -23.67 2.53 -4.69
N LEU B 79 -23.60 3.68 -5.35
CA LEU B 79 -23.79 4.98 -4.70
C LEU B 79 -25.20 5.45 -5.05
N THR B 80 -26.05 5.55 -4.03
CA THR B 80 -27.43 6.00 -4.20
C THR B 80 -27.52 7.44 -3.73
N ILE B 81 -27.76 8.36 -4.67
CA ILE B 81 -28.01 9.75 -4.36
C ILE B 81 -29.52 9.96 -4.30
N SER B 82 -29.99 10.58 -3.21
CA SER B 82 -31.41 10.71 -2.92
C SER B 82 -31.83 12.16 -3.06
N ARG B 83 -32.97 12.39 -3.72
CA ARG B 83 -33.57 13.71 -3.89
C ARG B 83 -32.56 14.68 -4.51
N LEU B 84 -32.19 14.36 -5.74
CA LEU B 84 -31.25 15.18 -6.49
C LEU B 84 -31.95 16.47 -6.89
N GLN B 85 -31.75 17.52 -6.09
CA GLN B 85 -32.36 18.83 -6.29
C GLN B 85 -31.35 19.94 -6.44
N ALA B 86 -30.26 19.92 -5.66
CA ALA B 86 -29.25 20.94 -5.77
C ALA B 86 -28.47 20.75 -7.07
N GLU B 87 -27.57 21.71 -7.34
CA GLU B 87 -26.69 21.63 -8.51
C GLU B 87 -25.49 20.75 -8.17
N ASP B 88 -25.77 19.45 -7.96
CA ASP B 88 -24.77 18.44 -7.73
C ASP B 88 -24.33 17.74 -9.01
N VAL B 89 -24.48 18.40 -10.16
CA VAL B 89 -23.99 17.84 -11.41
C VAL B 89 -22.47 17.76 -11.33
N ALA B 90 -21.94 16.56 -11.52
CA ALA B 90 -20.50 16.33 -11.43
C ALA B 90 -20.21 14.94 -11.99
N VAL B 91 -18.94 14.57 -11.96
CA VAL B 91 -18.50 13.22 -12.33
C VAL B 91 -18.12 12.49 -11.06
N TYR B 92 -18.63 11.28 -10.91
CA TYR B 92 -18.53 10.52 -9.67
C TYR B 92 -17.50 9.42 -9.83
N TYR B 93 -16.49 9.43 -8.96
CA TYR B 93 -15.39 8.47 -9.00
C TYR B 93 -15.45 7.57 -7.78
N CYS B 94 -15.41 6.26 -8.01
CA CYS B 94 -15.18 5.27 -6.97
C CYS B 94 -13.82 4.61 -7.21
N GLN B 95 -13.11 4.36 -6.12
CA GLN B 95 -11.74 3.88 -6.21
C GLN B 95 -11.43 2.93 -5.07
N GLN B 96 -10.57 1.96 -5.35
CA GLN B 96 -10.09 1.01 -4.36
C GLN B 96 -8.87 1.58 -3.68
N TYR B 97 -8.82 1.45 -2.35
CA TYR B 97 -7.58 1.59 -1.60
C TYR B 97 -7.21 0.29 -0.89
N TYR B 98 -7.63 -0.85 -1.45
CA TYR B 98 -7.24 -2.14 -0.91
C TYR B 98 -5.77 -2.40 -1.19
N SER B 99 -5.32 -2.12 -2.41
CA SER B 99 -3.93 -2.34 -2.78
C SER B 99 -3.55 -1.37 -3.89
N LEU B 100 -2.24 -1.19 -4.03
CA LEU B 100 -1.73 -0.29 -5.06
C LEU B 100 -2.01 -0.89 -6.43
N PRO B 101 -2.02 -0.07 -7.50
CA PRO B 101 -1.76 1.37 -7.60
C PRO B 101 -3.01 2.25 -7.56
N ARG B 102 -4.01 1.93 -6.74
CA ARG B 102 -5.16 2.81 -6.50
C ARG B 102 -5.91 3.14 -7.79
N THR B 103 -6.45 2.11 -8.43
CA THR B 103 -7.11 2.30 -9.72
C THR B 103 -8.46 2.99 -9.52
N PHE B 104 -8.51 4.29 -9.82
CA PHE B 104 -9.77 5.01 -9.79
C PHE B 104 -10.66 4.57 -10.95
N GLY B 105 -11.96 4.79 -10.79
CA GLY B 105 -12.89 4.49 -11.85
C GLY B 105 -12.83 5.50 -12.97
N GLN B 106 -13.39 5.10 -14.12
CA GLN B 106 -13.43 6.00 -15.27
C GLN B 106 -14.31 7.22 -15.04
N GLY B 107 -15.24 7.15 -14.09
CA GLY B 107 -16.09 8.29 -13.80
C GLY B 107 -17.35 8.31 -14.64
N THR B 108 -18.48 8.70 -14.05
CA THR B 108 -19.75 8.78 -14.74
C THR B 108 -20.38 10.13 -14.48
N LYS B 109 -20.90 10.75 -15.54
CA LYS B 109 -21.50 12.07 -15.45
C LYS B 109 -22.99 11.93 -15.18
N VAL B 110 -23.48 12.70 -14.21
CA VAL B 110 -24.90 12.73 -13.84
C VAL B 110 -25.53 13.96 -14.49
N GLU B 111 -26.69 13.77 -15.12
CA GLU B 111 -27.40 14.82 -15.83
C GLU B 111 -28.79 14.98 -15.22
N ILE B 112 -29.33 16.20 -15.34
CA ILE B 112 -30.60 16.56 -14.71
C ILE B 112 -31.70 16.49 -15.74
N LYS B 113 -32.80 15.81 -15.39
CA LYS B 113 -33.96 15.56 -16.25
C LYS B 113 -33.60 15.23 -17.70
N GLN C 1 -9.86 29.91 5.22
CA GLN C 1 -8.37 29.76 5.23
C GLN C 1 -7.97 28.37 4.78
N VAL C 2 -7.76 28.21 3.46
CA VAL C 2 -7.38 26.92 2.91
C VAL C 2 -6.01 26.52 3.44
N GLN C 3 -5.91 25.27 3.89
CA GLN C 3 -4.69 24.78 4.53
C GLN C 3 -3.88 23.85 3.62
N LEU C 4 -4.13 23.86 2.32
CA LEU C 4 -3.33 23.08 1.38
C LEU C 4 -3.30 23.80 0.05
N VAL C 5 -2.10 24.16 -0.41
CA VAL C 5 -1.90 24.88 -1.66
C VAL C 5 -0.74 24.25 -2.42
N GLN C 6 -0.75 24.48 -3.74
CA GLN C 6 0.21 23.91 -4.67
C GLN C 6 1.20 25.00 -5.11
N SER C 7 2.13 24.60 -5.98
CA SER C 7 3.16 25.50 -6.48
C SER C 7 2.71 26.33 -7.68
N GLY C 8 1.48 26.15 -8.17
CA GLY C 8 0.98 26.94 -9.27
C GLY C 8 1.27 26.32 -10.62
N ALA C 9 0.67 26.93 -11.64
CA ALA C 9 0.74 26.37 -12.99
C ALA C 9 2.17 26.38 -13.52
N GLU C 10 2.49 25.34 -14.29
CA GLU C 10 3.80 25.18 -14.91
C GLU C 10 3.63 24.83 -16.37
N VAL C 11 4.62 25.22 -17.19
CA VAL C 11 4.67 24.85 -18.60
C VAL C 11 6.10 24.47 -18.93
N LYS C 12 6.25 23.39 -19.70
CA LYS C 12 7.58 22.89 -20.04
C LYS C 12 7.56 22.32 -21.45
N LYS C 13 8.75 22.28 -22.06
CA LYS C 13 8.98 21.69 -23.36
C LYS C 13 9.07 20.16 -23.23
N PRO C 14 8.72 19.40 -24.28
CA PRO C 14 8.99 17.96 -24.23
C PRO C 14 10.46 17.66 -24.03
N GLY C 15 10.74 16.65 -23.21
CA GLY C 15 12.09 16.32 -22.83
C GLY C 15 12.68 17.16 -21.71
N ALA C 16 11.93 18.13 -21.19
CA ALA C 16 12.41 19.01 -20.14
C ALA C 16 12.10 18.39 -18.77
N SER C 17 12.25 19.19 -17.72
CA SER C 17 11.93 18.79 -16.35
C SER C 17 10.89 19.73 -15.78
N VAL C 18 10.03 19.19 -14.91
CA VAL C 18 8.94 19.94 -14.29
C VAL C 18 8.97 19.65 -12.80
N GLN C 19 8.68 20.68 -12.00
CA GLN C 19 8.75 20.58 -10.54
C GLN C 19 7.44 21.02 -9.89
N VAL C 20 6.32 20.47 -10.34
CA VAL C 20 5.06 20.68 -9.61
C VAL C 20 5.24 20.20 -8.18
N SER C 21 4.81 21.01 -7.22
CA SER C 21 5.04 20.72 -5.82
C SER C 21 3.95 21.39 -4.99
N CYS C 22 3.83 20.95 -3.74
CA CYS C 22 2.86 21.53 -2.83
C CYS C 22 3.43 21.56 -1.42
N GLN C 23 3.39 22.75 -0.83
CA GLN C 23 3.84 22.98 0.53
C GLN C 23 2.62 23.05 1.44
N ALA C 24 2.77 22.58 2.67
CA ALA C 24 1.62 22.40 3.55
C ALA C 24 2.04 22.56 5.01
N SER C 25 1.03 22.53 5.88
CA SER C 25 1.26 22.73 7.31
C SER C 25 1.86 21.48 7.91
N ALA C 26 3.13 21.56 8.31
CA ALA C 26 3.81 20.42 8.88
C ALA C 26 3.26 20.00 10.23
N ASN C 27 2.49 20.88 10.88
CA ASN C 27 1.99 20.59 12.23
C ASN C 27 1.10 19.35 12.25
N THR C 28 0.41 19.05 11.15
CA THR C 28 -0.51 17.93 11.06
C THR C 28 -0.13 16.89 10.03
N PHE C 29 0.82 17.17 9.12
CA PHE C 29 1.16 16.27 8.02
C PHE C 29 2.51 15.59 8.24
N THR C 30 2.94 15.46 9.49
CA THR C 30 4.00 14.50 9.80
C THR C 30 3.46 13.08 9.83
N ASN C 31 2.21 12.91 10.25
CA ASN C 31 1.59 11.60 10.44
C ASN C 31 0.55 11.26 9.38
N HIS C 32 0.61 11.91 8.23
CA HIS C 32 -0.25 11.59 7.08
C HIS C 32 0.65 11.35 5.88
N TYR C 33 0.41 10.25 5.17
CA TYR C 33 1.09 10.07 3.89
C TYR C 33 0.50 11.04 2.87
N ILE C 34 1.11 11.09 1.70
CA ILE C 34 0.68 12.04 0.68
C ILE C 34 1.02 11.47 -0.69
N HIS C 35 -0.01 11.35 -1.53
CA HIS C 35 0.09 10.74 -2.84
C HIS C 35 0.25 11.80 -3.91
N TRP C 36 0.22 11.38 -5.17
CA TRP C 36 0.18 12.28 -6.32
C TRP C 36 -0.74 11.67 -7.35
N VAL C 37 -1.72 12.45 -7.80
CA VAL C 37 -2.79 11.97 -8.67
C VAL C 37 -2.81 12.82 -9.92
N ARG C 38 -2.83 12.15 -11.07
CA ARG C 38 -2.87 12.78 -12.38
C ARG C 38 -4.30 12.78 -12.90
N GLN C 39 -4.62 13.77 -13.74
CA GLN C 39 -5.85 13.70 -14.51
C GLN C 39 -5.67 14.47 -15.81
N ALA C 40 -5.88 13.79 -16.93
CA ALA C 40 -5.96 14.47 -18.21
C ALA C 40 -7.33 15.16 -18.31
N PRO C 41 -7.44 16.22 -19.12
CA PRO C 41 -8.73 16.92 -19.19
C PRO C 41 -9.88 16.06 -19.68
N GLY C 42 -9.62 15.12 -20.61
CA GLY C 42 -10.66 14.28 -21.15
C GLY C 42 -10.79 12.93 -20.49
N GLN C 43 -9.74 12.48 -19.81
CA GLN C 43 -9.70 11.17 -19.17
C GLN C 43 -9.93 11.32 -17.67
N GLY C 44 -9.98 10.19 -16.98
CA GLY C 44 -10.18 10.16 -15.55
C GLY C 44 -8.88 10.26 -14.78
N LEU C 45 -8.96 9.95 -13.50
CA LEU C 45 -7.81 10.07 -12.61
C LEU C 45 -6.80 8.94 -12.88
N GLU C 46 -5.55 9.23 -12.50
CA GLU C 46 -4.45 8.28 -12.63
C GLU C 46 -3.54 8.42 -11.43
N TRP C 47 -2.81 7.37 -11.13
CA TRP C 47 -1.97 7.28 -9.93
C TRP C 47 -0.51 7.31 -10.30
N MET C 48 0.29 8.02 -9.49
CA MET C 48 1.70 8.26 -9.76
C MET C 48 2.62 7.73 -8.67
N GLY C 49 2.37 8.04 -7.41
CA GLY C 49 3.23 7.51 -6.35
C GLY C 49 2.84 8.04 -4.99
N ILE C 50 3.52 7.49 -3.97
CA ILE C 50 3.28 7.80 -2.57
C ILE C 50 4.60 8.19 -1.93
N ILE C 51 4.57 9.16 -1.03
CA ILE C 51 5.76 9.63 -0.32
C ILE C 51 5.44 9.72 1.16
N TYR C 52 6.19 8.98 1.97
CA TYR C 52 6.17 9.19 3.41
C TYR C 52 6.92 10.48 3.69
N PRO C 53 6.30 11.52 4.25
CA PRO C 53 6.92 12.85 4.20
C PRO C 53 8.25 12.97 4.93
N THR C 54 8.38 12.39 6.11
CA THR C 54 9.62 12.57 6.87
C THR C 54 10.75 11.71 6.30
N GLY C 55 10.57 10.39 6.32
CA GLY C 55 11.62 9.49 5.85
C GLY C 55 11.91 9.60 4.37
N GLY C 56 10.88 9.82 3.56
CA GLY C 56 11.03 9.92 2.13
C GLY C 56 10.95 8.60 1.38
N ASN C 57 10.58 7.50 2.05
CA ASN C 57 10.38 6.24 1.35
C ASN C 57 9.27 6.40 0.32
N THR C 58 9.53 5.92 -0.89
CA THR C 58 8.72 6.24 -2.05
C THR C 58 8.37 4.98 -2.82
N ILE C 59 7.18 4.98 -3.40
CA ILE C 59 6.72 3.93 -4.30
C ILE C 59 6.06 4.60 -5.51
N TYR C 60 6.44 4.16 -6.71
CA TYR C 60 5.92 4.70 -7.95
C TYR C 60 5.10 3.64 -8.68
N ALA C 61 4.14 4.09 -9.47
CA ALA C 61 3.38 3.18 -10.31
C ALA C 61 4.28 2.59 -11.39
N GLN C 62 3.92 1.39 -11.86
CA GLN C 62 4.71 0.73 -12.88
C GLN C 62 4.74 1.53 -14.18
N GLY C 63 3.70 2.29 -14.46
CA GLY C 63 3.65 3.07 -15.69
C GLY C 63 4.63 4.22 -15.73
N PHE C 64 5.08 4.70 -14.56
CA PHE C 64 6.04 5.79 -14.45
C PHE C 64 7.23 5.41 -13.58
N GLN C 65 7.67 4.16 -13.65
CA GLN C 65 8.78 3.73 -12.80
C GLN C 65 10.07 4.45 -13.18
N GLY C 66 10.31 4.65 -14.47
CA GLY C 66 11.54 5.24 -14.95
C GLY C 66 11.40 6.66 -15.48
N ARG C 67 10.41 7.40 -14.97
CA ARG C 67 10.13 8.75 -15.46
C ARG C 67 9.93 9.79 -14.36
N VAL C 68 9.80 9.40 -13.10
CA VAL C 68 9.55 10.33 -12.00
C VAL C 68 10.39 9.95 -10.80
N THR C 69 10.91 10.98 -10.12
CA THR C 69 11.49 10.83 -8.79
C THR C 69 10.99 11.98 -7.94
N MET C 70 10.65 11.66 -6.68
CA MET C 70 10.00 12.60 -5.79
C MET C 70 10.84 12.75 -4.51
N THR C 71 10.97 13.98 -4.06
CA THR C 71 11.84 14.35 -2.95
C THR C 71 10.98 14.87 -1.81
N ARG C 72 11.64 15.39 -0.76
CA ARG C 72 10.97 15.90 0.42
C ARG C 72 11.69 17.15 0.89
N ASP C 73 11.14 17.76 1.94
CA ASP C 73 11.85 18.81 2.68
C ASP C 73 11.23 18.85 4.08
N THR C 74 11.92 18.26 5.04
CA THR C 74 11.35 18.11 6.39
C THR C 74 11.08 19.46 7.04
N SER C 75 11.85 20.49 6.69
CA SER C 75 11.62 21.81 7.27
C SER C 75 10.25 22.36 6.87
N LEU C 76 9.93 22.28 5.58
CA LEU C 76 8.66 22.78 5.06
C LEU C 76 7.62 21.69 4.88
N ASN C 77 8.03 20.42 4.90
CA ASN C 77 7.15 19.29 4.58
C ASN C 77 6.48 19.48 3.22
N THR C 78 7.28 19.92 2.25
CA THR C 78 6.85 20.05 0.86
C THR C 78 7.48 18.94 0.03
N ILE C 79 6.76 18.52 -1.01
CA ILE C 79 7.17 17.40 -1.85
C ILE C 79 7.12 17.84 -3.30
N TYR C 80 8.04 17.30 -4.10
CA TYR C 80 8.24 17.72 -5.48
C TYR C 80 8.15 16.53 -6.42
N LEU C 81 8.07 16.85 -7.71
CA LEU C 81 8.16 15.88 -8.79
C LEU C 81 9.47 16.07 -9.55
N GLU C 82 9.80 15.08 -10.38
CA GLU C 82 10.89 15.20 -11.33
C GLU C 82 10.45 14.52 -12.63
N LEU C 83 9.21 14.77 -13.02
CA LEU C 83 8.67 14.14 -14.22
C LEU C 83 9.42 14.61 -15.45
N SER C 84 10.02 13.65 -16.16
CA SER C 84 10.90 13.92 -17.29
C SER C 84 10.37 13.21 -18.52
N SER C 85 11.00 13.52 -19.66
CA SER C 85 10.59 12.98 -20.96
C SER C 85 9.12 13.30 -21.22
N LEU C 86 8.76 14.57 -21.03
CA LEU C 86 7.38 14.99 -21.15
C LEU C 86 6.89 14.81 -22.59
N ARG C 87 5.61 14.49 -22.72
CA ARG C 87 5.01 14.23 -24.03
C ARG C 87 3.57 14.72 -24.01
N SER C 88 2.91 14.61 -25.17
CA SER C 88 1.54 15.09 -25.30
C SER C 88 0.59 14.34 -24.37
N GLU C 89 0.91 13.10 -24.01
CA GLU C 89 0.08 12.36 -23.08
C GLU C 89 0.24 12.85 -21.64
N ASP C 90 1.23 13.70 -21.37
CA ASP C 90 1.56 14.12 -20.02
C ASP C 90 0.81 15.39 -19.62
N THR C 91 0.07 16.01 -20.53
CA THR C 91 -0.72 17.19 -20.16
C THR C 91 -1.84 16.77 -19.22
N ALA C 92 -1.82 17.29 -18.00
CA ALA C 92 -2.73 16.83 -16.97
C ALA C 92 -2.55 17.70 -15.73
N VAL C 93 -3.52 17.61 -14.83
CA VAL C 93 -3.47 18.29 -13.55
C VAL C 93 -2.87 17.33 -12.53
N TYR C 94 -2.19 17.88 -11.51
CA TYR C 94 -1.43 17.09 -10.56
C TYR C 94 -1.79 17.52 -9.14
N TYR C 95 -2.63 16.72 -8.47
CA TYR C 95 -3.04 16.96 -7.10
C TYR C 95 -2.17 16.12 -6.17
N CYS C 96 -1.73 16.72 -5.06
CA CYS C 96 -0.99 15.98 -4.03
C CYS C 96 -1.99 15.56 -2.95
N ALA C 97 -2.76 14.52 -3.28
CA ALA C 97 -3.81 14.05 -2.38
C ALA C 97 -3.21 13.55 -1.08
N ARG C 98 -3.93 13.80 0.01
CA ARG C 98 -3.51 13.37 1.34
C ARG C 98 -4.09 12.00 1.66
N ASP C 99 -3.61 11.41 2.75
CA ASP C 99 -4.18 10.21 3.33
C ASP C 99 -4.42 10.41 4.81
N VAL C 100 -5.21 9.52 5.40
CA VAL C 100 -5.35 9.41 6.85
C VAL C 100 -5.05 7.97 7.22
N ARG C 101 -4.10 7.78 8.13
CA ARG C 101 -3.75 6.45 8.61
C ARG C 101 -4.73 6.04 9.70
N VAL C 102 -5.32 4.86 9.57
CA VAL C 102 -6.45 4.50 10.43
C VAL C 102 -5.98 3.88 11.74
N ASP C 103 -4.94 3.05 11.71
CA ASP C 103 -4.60 2.18 12.82
C ASP C 103 -3.65 2.86 13.78
N ASP C 104 -3.95 2.77 15.07
CA ASP C 104 -3.06 3.22 16.13
C ASP C 104 -2.13 2.11 16.62
N SER C 105 -2.23 0.91 16.05
CA SER C 105 -1.46 -0.22 16.58
C SER C 105 0.03 -0.07 16.30
N TRP C 106 0.41 -0.05 15.03
CA TRP C 106 1.81 -0.07 14.63
C TRP C 106 2.37 1.35 14.55
N SER C 107 3.58 1.52 15.05
CA SER C 107 4.35 2.71 14.77
C SER C 107 5.09 2.55 13.44
N GLY C 108 5.76 3.61 13.01
CA GLY C 108 6.50 3.56 11.77
C GLY C 108 5.62 3.76 10.56
N TYR C 109 6.22 3.60 9.39
CA TYR C 109 5.58 3.88 8.12
C TYR C 109 5.30 2.60 7.35
N ASP C 110 4.22 2.63 6.57
CA ASP C 110 3.89 1.51 5.68
C ASP C 110 3.15 2.07 4.46
N LEU C 111 3.81 2.03 3.31
CA LEU C 111 3.24 2.60 2.10
C LEU C 111 2.23 1.68 1.44
N LEU C 112 2.13 0.43 1.89
CA LEU C 112 1.22 -0.55 1.30
C LEU C 112 -0.05 -0.76 2.12
N SER C 113 -0.04 -0.42 3.40
CA SER C 113 -1.11 -0.76 4.33
C SER C 113 -1.84 0.45 4.89
N GLY C 114 -1.12 1.42 5.42
CA GLY C 114 -1.71 2.54 6.13
C GLY C 114 -2.13 3.71 5.26
N GLY C 115 -2.32 3.50 3.96
CA GLY C 115 -2.79 4.58 3.13
C GLY C 115 -4.23 4.95 3.41
N THR C 116 -5.14 3.99 3.27
CA THR C 116 -6.58 4.23 3.40
C THR C 116 -6.99 5.19 2.27
N TYR C 117 -7.72 6.26 2.55
CA TYR C 117 -8.45 7.01 1.54
C TYR C 117 -7.99 8.46 1.46
N PHE C 118 -8.35 9.11 0.35
CA PHE C 118 -7.96 10.50 0.06
C PHE C 118 -8.84 11.57 0.71
N ASP C 119 -8.54 11.94 1.96
CA ASP C 119 -9.43 12.85 2.66
C ASP C 119 -9.29 14.29 2.20
N TYR C 120 -8.12 14.71 1.69
CA TYR C 120 -7.92 16.10 1.30
C TYR C 120 -7.04 16.16 0.06
N TRP C 121 -7.35 17.11 -0.82
CA TRP C 121 -6.70 17.27 -2.11
C TRP C 121 -6.24 18.71 -2.26
N GLY C 122 -5.19 18.89 -3.05
CA GLY C 122 -4.71 20.23 -3.37
C GLY C 122 -5.39 20.80 -4.59
N GLN C 123 -5.27 22.11 -4.74
CA GLN C 123 -5.80 22.78 -5.91
C GLN C 123 -5.02 22.35 -7.15
N GLY C 124 -5.70 22.35 -8.29
CA GLY C 124 -5.12 21.82 -9.50
C GLY C 124 -3.91 22.61 -9.98
N THR C 125 -2.85 21.92 -10.38
CA THR C 125 -1.68 22.51 -11.04
C THR C 125 -1.63 21.97 -12.47
N LEU C 126 -2.26 22.70 -13.39
CA LEU C 126 -2.36 22.25 -14.77
C LEU C 126 -1.01 22.41 -15.46
N VAL C 127 -0.51 21.33 -16.07
CA VAL C 127 0.76 21.31 -16.78
C VAL C 127 0.47 21.05 -18.24
N THR C 128 0.99 21.92 -19.10
CA THR C 128 0.82 21.82 -20.55
C THR C 128 2.18 21.80 -21.21
N VAL C 129 2.30 21.04 -22.31
CA VAL C 129 3.53 20.94 -23.07
C VAL C 129 3.21 21.11 -24.54
N SER C 130 4.04 21.88 -25.24
CA SER C 130 3.82 22.16 -26.65
C SER C 130 5.15 22.51 -27.30
N SER C 131 5.16 22.45 -28.64
CA SER C 131 6.37 22.78 -29.37
C SER C 131 6.75 24.25 -29.20
N ALA C 132 5.76 25.14 -29.23
CA ALA C 132 6.02 26.57 -29.11
C ALA C 132 4.75 27.26 -28.62
N SER C 133 4.93 28.49 -28.14
CA SER C 133 3.80 29.28 -27.65
C SER C 133 2.97 29.82 -28.81
#